data_3QO5
#
_entry.id   3QO5
#
_cell.length_a   92.461
_cell.length_b   92.461
_cell.length_c   273.566
_cell.angle_alpha   90.00
_cell.angle_beta   90.00
_cell.angle_gamma   120.00
#
_symmetry.space_group_name_H-M   'P 61 2 2'
#
loop_
_entity.id
_entity.type
_entity.pdbx_description
1 polymer 'Seryl-tRNA synthetase, cytoplasmic'
2 water water
#
_entity_poly.entity_id   1
_entity_poly.type   'polypeptide(L)'
_entity_poly.pdbx_seq_one_letter_code
;MLDINAFLVEKGGDPEIIKASQKKRGDSVELVDEIIAEYKEWVKLRFDLDEHNKKLNSVQKEIGKRFKAKEDAKDLIAEK
EKLSNEKKEIIEKEAEADKNLRSKINQVGNIVHESVVDSQDEENNELVRTWTPENYKKPEQIAAATGAPAKLSHHEVLLR
LDGYDPERGVRIVGHRGYFLRNYGVFLNQALINYGLLFLSSKGYVPLQAPVMMNKEVMAKTAQLSQFDEELYKVIDGEDE
KYLIATSEQPISAYHAGEWFESPAEQLPVRYAGYSSCFRREAGSHGKDAWGIFRVHAFEKIEQFVLTEPEKSWEEFDRMI
GCSEEFYQSLGLPYRVVGIVSGELNNAAAKKYDLEAWFPFQQEYKELVSCSNCTDYQSRNLEIRCGIKQQNQQEKKYVHC
LNSTLSATERTICCILENYQKEDGLVIPEVLRKYIPGEPEFIPYIKELPKNTTSVKKAKGKNPKNTTSVKKAKGKNGSRH
HHHHH
;
_entity_poly.pdbx_strand_id   A
#
# COMPACT_ATOMS: atom_id res chain seq x y z
N MET A 1 -5.81 -12.10 2.15
CA MET A 1 -5.18 -13.16 2.92
C MET A 1 -4.91 -14.33 2.02
N LEU A 2 -4.17 -15.33 2.51
CA LEU A 2 -3.90 -16.53 1.72
C LEU A 2 -5.13 -17.43 1.62
N ASP A 3 -5.20 -18.26 0.58
CA ASP A 3 -6.25 -19.28 0.49
C ASP A 3 -6.11 -20.26 1.65
N ILE A 4 -7.22 -20.63 2.26
CA ILE A 4 -7.24 -21.70 3.25
C ILE A 4 -6.56 -22.98 2.74
N ASN A 5 -6.77 -23.33 1.48
CA ASN A 5 -6.22 -24.59 0.97
C ASN A 5 -4.71 -24.59 0.93
N ALA A 6 -4.12 -23.39 0.97
CA ALA A 6 -2.68 -23.28 0.98
C ALA A 6 -2.09 -23.92 2.25
N PHE A 7 -2.88 -24.01 3.31
CA PHE A 7 -2.40 -24.57 4.56
C PHE A 7 -2.56 -26.11 4.64
N LEU A 8 -3.27 -26.66 3.68
CA LEU A 8 -3.75 -28.05 3.74
C LEU A 8 -3.15 -29.03 2.74
N VAL A 9 -2.28 -29.95 3.18
CA VAL A 9 -1.60 -30.84 2.25
C VAL A 9 -2.65 -31.68 1.49
N GLU A 10 -3.78 -32.01 2.12
CA GLU A 10 -4.75 -32.88 1.46
C GLU A 10 -5.44 -32.16 0.31
N LYS A 11 -5.33 -30.83 0.29
CA LYS A 11 -5.97 -30.06 -0.75
C LYS A 11 -4.90 -29.39 -1.59
N GLY A 12 -3.76 -30.05 -1.68
CA GLY A 12 -2.64 -29.59 -2.49
C GLY A 12 -1.82 -28.45 -1.90
N GLY A 13 -2.04 -28.12 -0.63
CA GLY A 13 -1.31 -27.00 -0.06
C GLY A 13 0.07 -27.40 0.42
N ASP A 14 0.82 -26.42 0.93
CA ASP A 14 2.18 -26.65 1.38
C ASP A 14 2.44 -25.81 2.62
N PRO A 15 1.91 -26.21 3.77
CA PRO A 15 2.13 -25.35 4.95
C PRO A 15 3.61 -25.10 5.29
N GLU A 16 4.54 -25.96 4.93
CA GLU A 16 5.97 -25.75 5.20
C GLU A 16 6.40 -24.45 4.47
N ILE A 17 5.87 -24.24 3.28
CA ILE A 17 6.24 -23.06 2.52
C ILE A 17 5.74 -21.81 3.24
N ILE A 18 4.58 -21.91 3.88
CA ILE A 18 4.04 -20.81 4.66
C ILE A 18 4.85 -20.54 5.94
N LYS A 19 5.25 -21.62 6.61
CA LYS A 19 6.12 -21.49 7.78
C LYS A 19 7.43 -20.83 7.41
N ALA A 20 8.05 -21.28 6.31
CA ALA A 20 9.30 -20.67 5.86
C ALA A 20 9.10 -19.16 5.63
N SER A 21 7.96 -18.80 5.04
CA SER A 21 7.68 -17.40 4.74
C SER A 21 7.51 -16.62 6.04
N GLN A 22 6.70 -17.17 6.94
CA GLN A 22 6.50 -16.58 8.27
C GLN A 22 7.84 -16.29 8.96
N LYS A 23 8.75 -17.26 8.88
CA LYS A 23 10.05 -17.11 9.50
C LYS A 23 10.85 -15.97 8.88
N LYS A 24 10.85 -15.89 7.55
CA LYS A 24 11.49 -14.77 6.86
C LYS A 24 10.89 -13.44 7.30
N ARG A 25 9.59 -13.43 7.58
CA ARG A 25 8.92 -12.19 7.97
C ARG A 25 9.28 -11.82 9.41
N GLY A 26 9.76 -12.80 10.17
CA GLY A 26 9.92 -12.67 11.61
C GLY A 26 8.57 -12.69 12.33
N ASP A 27 7.57 -13.34 11.73
CA ASP A 27 6.23 -13.50 12.31
C ASP A 27 6.02 -14.92 12.80
N SER A 28 4.88 -15.14 13.46
CA SER A 28 4.60 -16.43 14.10
C SER A 28 4.54 -17.64 13.16
N VAL A 29 5.34 -18.64 13.49
CA VAL A 29 5.39 -19.89 12.73
C VAL A 29 4.29 -20.80 13.26
N GLU A 30 4.03 -20.72 14.57
CA GLU A 30 3.05 -21.61 15.21
C GLU A 30 1.63 -21.36 14.76
N LEU A 31 1.41 -20.15 14.28
CA LEU A 31 0.15 -19.73 13.69
C LEU A 31 -0.33 -20.69 12.61
N VAL A 32 0.60 -21.23 11.84
CA VAL A 32 0.27 -22.19 10.78
C VAL A 32 -0.32 -23.47 11.33
N ASP A 33 0.34 -24.01 12.34
CA ASP A 33 -0.14 -25.21 13.00
C ASP A 33 -1.49 -24.98 13.68
N GLU A 34 -1.70 -23.78 14.21
CA GLU A 34 -2.96 -23.46 14.87
C GLU A 34 -4.08 -23.43 13.86
N ILE A 35 -3.78 -22.81 12.74
CA ILE A 35 -4.69 -22.75 11.62
C ILE A 35 -5.04 -24.17 11.15
N ILE A 36 -4.03 -25.02 10.99
CA ILE A 36 -4.31 -26.39 10.54
C ILE A 36 -5.20 -27.12 11.53
N ALA A 37 -4.89 -26.97 12.81
CA ALA A 37 -5.67 -27.59 13.86
C ALA A 37 -7.11 -27.07 13.94
N GLU A 38 -7.27 -25.76 13.86
CA GLU A 38 -8.60 -25.11 13.94
C GLU A 38 -9.44 -25.60 12.77
N TYR A 39 -8.80 -25.77 11.60
CA TYR A 39 -9.49 -26.24 10.42
C TYR A 39 -10.04 -27.64 10.67
N LYS A 40 -9.21 -28.49 11.26
CA LYS A 40 -9.67 -29.82 11.61
C LYS A 40 -10.86 -29.81 12.56
N GLU A 41 -10.89 -28.91 13.54
CA GLU A 41 -12.06 -28.83 14.41
C GLU A 41 -13.28 -28.47 13.60
N TRP A 42 -13.13 -27.50 12.69
CA TRP A 42 -14.25 -27.09 11.83
C TRP A 42 -14.78 -28.27 11.03
N VAL A 43 -13.85 -29.05 10.47
CA VAL A 43 -14.20 -30.23 9.67
C VAL A 43 -14.91 -31.27 10.52
N LYS A 44 -14.42 -31.49 11.74
CA LYS A 44 -15.05 -32.44 12.64
C LYS A 44 -16.49 -32.02 12.92
N LEU A 45 -16.68 -30.71 13.15
CA LEU A 45 -18.00 -30.15 13.39
C LEU A 45 -18.92 -30.32 12.20
N ARG A 46 -18.40 -30.03 11.02
CA ARG A 46 -19.18 -30.17 9.80
C ARG A 46 -19.64 -31.60 9.60
N PHE A 47 -18.75 -32.55 9.84
CA PHE A 47 -19.16 -33.93 9.71
C PHE A 47 -20.28 -34.25 10.70
N ASP A 48 -20.15 -33.85 11.96
CA ASP A 48 -21.16 -34.16 12.98
C ASP A 48 -22.51 -33.52 12.53
N LEU A 49 -22.43 -32.30 12.00
CA LEU A 49 -23.60 -31.63 11.44
C LEU A 49 -24.19 -32.41 10.29
N ASP A 50 -23.32 -32.82 9.37
CA ASP A 50 -23.72 -33.57 8.21
C ASP A 50 -24.42 -34.85 8.64
N GLU A 51 -23.87 -35.47 9.67
CA GLU A 51 -24.42 -36.70 10.20
C GLU A 51 -25.78 -36.52 10.88
N HIS A 52 -25.95 -35.41 11.57
CA HIS A 52 -27.22 -35.08 12.20
C HIS A 52 -28.35 -34.85 11.21
N ASN A 53 -28.08 -34.10 10.15
CA ASN A 53 -29.05 -33.92 9.08
C ASN A 53 -29.58 -35.21 8.51
N LYS A 54 -28.68 -36.15 8.27
CA LYS A 54 -29.04 -37.40 7.65
C LYS A 54 -29.85 -38.21 8.63
N LYS A 55 -29.44 -38.18 9.89
CA LYS A 55 -30.18 -38.84 10.96
C LYS A 55 -31.57 -38.23 11.16
N LEU A 56 -31.66 -36.91 11.15
CA LEU A 56 -32.95 -36.25 11.30
C LEU A 56 -33.94 -36.63 10.18
N ASN A 57 -33.52 -36.51 8.92
CA ASN A 57 -34.40 -36.88 7.82
C ASN A 57 -34.83 -38.35 7.93
N SER A 58 -33.89 -39.22 8.30
CA SER A 58 -34.17 -40.64 8.45
C SER A 58 -35.20 -40.87 9.55
N VAL A 59 -34.99 -40.27 10.73
CA VAL A 59 -35.90 -40.48 11.86
C VAL A 59 -37.29 -39.87 11.65
N GLN A 60 -37.38 -38.82 10.84
CA GLN A 60 -38.69 -38.25 10.56
CA GLN A 60 -38.68 -38.24 10.54
C GLN A 60 -39.49 -39.19 9.67
N LYS A 61 -38.81 -39.86 8.74
CA LYS A 61 -39.49 -40.85 7.92
C LYS A 61 -40.05 -42.04 8.70
N GLU A 62 -39.38 -42.41 9.80
CA GLU A 62 -39.88 -43.46 10.69
C GLU A 62 -41.08 -42.99 11.48
N ILE A 63 -41.06 -41.72 11.88
CA ILE A 63 -42.15 -41.13 12.62
C ILE A 63 -43.37 -41.07 11.71
N GLY A 64 -43.15 -40.72 10.44
CA GLY A 64 -44.18 -40.74 9.43
C GLY A 64 -44.87 -42.10 9.30
N LYS A 65 -44.08 -43.17 9.21
CA LYS A 65 -44.64 -44.52 9.10
C LYS A 65 -45.58 -44.94 10.24
N ARG A 66 -45.84 -44.06 11.20
CA ARG A 66 -46.67 -44.45 12.34
C ARG A 66 -48.05 -43.83 12.20
N PHE A 67 -48.81 -44.40 11.26
CA PHE A 67 -50.19 -44.02 10.96
C PHE A 67 -50.94 -45.23 10.48
N ASP A 75 -41.88 -41.88 21.15
CA ASP A 75 -40.55 -42.44 21.45
C ASP A 75 -39.48 -42.03 20.40
N LEU A 76 -39.85 -42.14 19.13
CA LEU A 76 -38.96 -41.80 18.02
C LEU A 76 -38.81 -40.30 18.07
N ILE A 77 -39.90 -39.65 18.46
CA ILE A 77 -40.01 -38.21 18.59
C ILE A 77 -39.04 -37.64 19.60
N ALA A 78 -38.86 -38.34 20.71
CA ALA A 78 -37.90 -37.96 21.73
C ALA A 78 -36.48 -37.89 21.15
N GLU A 79 -36.11 -38.87 20.32
CA GLU A 79 -34.79 -38.92 19.70
C GLU A 79 -34.65 -37.73 18.75
N LYS A 80 -35.74 -37.42 18.04
CA LYS A 80 -35.79 -36.28 17.13
C LYS A 80 -35.44 -34.98 17.84
N GLU A 81 -36.08 -34.71 18.97
CA GLU A 81 -35.82 -33.44 19.64
C GLU A 81 -34.37 -33.41 20.13
N LYS A 82 -33.84 -34.56 20.49
CA LYS A 82 -32.44 -34.67 20.89
C LYS A 82 -31.41 -34.38 19.80
N LEU A 83 -31.59 -35.00 18.64
CA LEU A 83 -30.72 -34.74 17.50
C LEU A 83 -30.77 -33.26 17.12
N SER A 84 -31.97 -32.70 17.19
CA SER A 84 -32.23 -31.30 16.87
C SER A 84 -31.50 -30.35 17.82
N ASN A 85 -31.61 -30.60 19.12
CA ASN A 85 -30.94 -29.75 20.11
C ASN A 85 -29.40 -29.82 19.95
N GLU A 86 -28.90 -31.00 19.61
CA GLU A 86 -27.47 -31.17 19.34
C GLU A 86 -27.08 -30.41 18.07
N LYS A 87 -27.91 -30.52 17.03
CA LYS A 87 -27.68 -29.80 15.78
C LYS A 87 -27.54 -28.30 15.99
N LYS A 88 -28.40 -27.77 16.84
CA LYS A 88 -28.33 -26.35 17.18
C LYS A 88 -26.92 -26.01 17.71
N GLU A 89 -26.45 -26.80 18.68
CA GLU A 89 -25.12 -26.57 19.24
C GLU A 89 -24.04 -26.67 18.17
N ILE A 90 -24.07 -27.74 17.39
CA ILE A 90 -23.08 -27.93 16.34
C ILE A 90 -23.04 -26.74 15.38
N ILE A 91 -24.20 -26.26 14.97
CA ILE A 91 -24.28 -25.14 14.05
C ILE A 91 -23.58 -23.93 14.64
N GLU A 92 -23.84 -23.68 15.92
CA GLU A 92 -23.19 -22.58 16.63
C GLU A 92 -21.67 -22.74 16.73
N LYS A 93 -21.21 -23.94 17.10
CA LYS A 93 -19.79 -24.25 17.16
C LYS A 93 -19.13 -24.12 15.79
N GLU A 94 -19.74 -24.70 14.76
CA GLU A 94 -19.16 -24.56 13.44
C GLU A 94 -18.89 -23.10 13.08
N ALA A 95 -19.87 -22.24 13.38
CA ALA A 95 -19.75 -20.83 13.06
C ALA A 95 -18.60 -20.23 13.85
N GLU A 96 -18.49 -20.60 15.12
CA GLU A 96 -17.37 -20.17 15.94
C GLU A 96 -16.03 -20.61 15.35
N ALA A 97 -15.92 -21.88 15.01
CA ALA A 97 -14.69 -22.40 14.40
C ALA A 97 -14.32 -21.66 13.11
N ASP A 98 -15.32 -21.38 12.28
CA ASP A 98 -15.08 -20.70 11.01
C ASP A 98 -14.55 -19.30 11.26
N LYS A 99 -15.17 -18.62 12.22
CA LYS A 99 -14.76 -17.28 12.60
C LYS A 99 -13.31 -17.25 13.10
N ASN A 100 -13.00 -18.15 14.03
CA ASN A 100 -11.66 -18.23 14.61
C ASN A 100 -10.62 -18.61 13.57
N LEU A 101 -10.99 -19.52 12.69
CA LEU A 101 -10.12 -19.93 11.61
C LEU A 101 -9.75 -18.75 10.72
N ARG A 102 -10.77 -18.00 10.33
CA ARG A 102 -10.56 -16.87 9.42
C ARG A 102 -9.74 -15.76 10.06
N SER A 103 -9.98 -15.45 11.34
CA SER A 103 -9.21 -14.41 12.00
C SER A 103 -7.73 -14.82 12.12
N LYS A 104 -7.46 -16.11 12.30
CA LYS A 104 -6.07 -16.60 12.38
C LYS A 104 -5.39 -16.48 11.01
N ILE A 105 -6.08 -16.97 9.97
CA ILE A 105 -5.58 -16.89 8.61
C ILE A 105 -5.27 -15.44 8.25
N ASN A 106 -6.13 -14.54 8.71
CA ASN A 106 -5.96 -13.12 8.48
C ASN A 106 -4.65 -12.55 9.02
N GLN A 107 -4.07 -13.23 10.00
CA GLN A 107 -2.82 -12.78 10.59
C GLN A 107 -1.60 -13.20 9.80
N VAL A 108 -1.75 -14.15 8.88
CA VAL A 108 -0.62 -14.67 8.13
C VAL A 108 -0.29 -13.84 6.90
N GLY A 109 0.97 -13.39 6.81
CA GLY A 109 1.43 -12.60 5.69
C GLY A 109 1.51 -13.34 4.37
N ASN A 110 1.52 -12.57 3.29
CA ASN A 110 1.66 -13.09 1.95
C ASN A 110 2.99 -13.85 1.88
N ILE A 111 3.08 -14.81 0.97
CA ILE A 111 4.30 -15.61 0.79
C ILE A 111 5.43 -14.74 0.27
N VAL A 112 6.51 -14.62 1.04
CA VAL A 112 7.65 -13.84 0.57
C VAL A 112 8.28 -14.45 -0.68
N HIS A 113 8.35 -13.67 -1.75
CA HIS A 113 8.94 -14.10 -3.00
C HIS A 113 10.41 -14.53 -2.84
N GLU A 114 10.83 -15.56 -3.56
CA GLU A 114 12.20 -16.06 -3.41
C GLU A 114 13.32 -15.07 -3.68
N SER A 115 13.07 -14.05 -4.49
CA SER A 115 14.11 -13.08 -4.78
C SER A 115 14.39 -12.21 -3.55
N VAL A 116 13.44 -12.10 -2.62
CA VAL A 116 13.60 -11.21 -1.47
C VAL A 116 14.71 -11.66 -0.50
N VAL A 117 15.51 -10.71 -0.02
CA VAL A 117 16.57 -11.00 0.93
C VAL A 117 15.95 -11.40 2.26
N ASP A 118 16.42 -12.49 2.83
CA ASP A 118 15.89 -13.03 4.09
C ASP A 118 16.64 -12.38 5.27
N SER A 119 16.05 -11.39 5.92
CA SER A 119 16.73 -10.69 7.03
C SER A 119 15.79 -9.78 7.79
N GLN A 120 16.07 -9.52 9.06
CA GLN A 120 15.28 -8.55 9.81
C GLN A 120 15.96 -7.19 9.81
N ASP A 121 17.08 -7.08 9.12
CA ASP A 121 17.91 -5.89 9.24
C ASP A 121 18.10 -5.25 7.85
N GLU A 122 17.55 -4.06 7.71
CA GLU A 122 17.51 -3.31 6.46
C GLU A 122 18.89 -2.98 5.90
N GLU A 123 19.90 -3.10 6.75
CA GLU A 123 21.28 -2.97 6.28
C GLU A 123 21.49 -3.96 5.14
N ASN A 124 20.70 -5.03 5.11
CA ASN A 124 20.84 -6.02 4.06
C ASN A 124 19.92 -5.81 2.87
N ASN A 125 19.24 -4.67 2.84
CA ASN A 125 18.43 -4.39 1.66
C ASN A 125 19.29 -4.62 0.43
N GLU A 126 18.72 -5.22 -0.61
CA GLU A 126 19.44 -5.43 -1.85
C GLU A 126 19.64 -4.09 -2.56
N LEU A 127 20.83 -3.82 -3.05
CA LEU A 127 21.03 -2.67 -3.91
C LEU A 127 20.73 -3.05 -5.35
N VAL A 128 19.59 -2.60 -5.84
CA VAL A 128 19.11 -3.07 -7.14
C VAL A 128 19.79 -2.27 -8.26
N ARG A 129 19.71 -0.95 -8.19
CA ARG A 129 20.39 -0.12 -9.17
C ARG A 129 20.58 1.30 -8.65
N THR A 130 21.47 2.03 -9.29
CA THR A 130 21.78 3.40 -8.93
C THR A 130 21.71 4.25 -10.18
N TRP A 131 21.15 5.45 -10.08
CA TRP A 131 21.11 6.33 -11.24
C TRP A 131 21.56 7.75 -10.87
N THR A 132 22.36 8.37 -11.72
CA THR A 132 22.69 9.76 -11.50
C THR A 132 22.48 10.55 -12.80
N PRO A 133 22.09 11.82 -12.70
CA PRO A 133 22.03 12.76 -13.83
C PRO A 133 23.44 12.91 -14.42
N GLU A 134 23.58 13.08 -15.72
CA GLU A 134 24.91 12.96 -16.33
C GLU A 134 25.98 13.97 -15.93
N ASN A 135 25.57 15.08 -15.32
CA ASN A 135 26.56 16.03 -14.89
C ASN A 135 26.69 15.95 -13.40
N TYR A 136 26.20 14.89 -12.82
CA TYR A 136 26.43 14.78 -11.41
C TYR A 136 27.31 13.55 -11.20
N LYS A 137 28.56 13.78 -10.83
CA LYS A 137 29.61 12.76 -10.77
C LYS A 137 29.22 11.64 -9.80
N LYS A 138 28.81 12.03 -8.61
CA LYS A 138 28.51 11.08 -7.55
C LYS A 138 27.74 11.81 -6.43
N PRO A 139 27.06 11.06 -5.59
CA PRO A 139 26.29 11.68 -4.50
C PRO A 139 27.15 12.31 -3.44
N GLU A 140 26.99 13.62 -3.29
CA GLU A 140 27.70 14.36 -2.24
C GLU A 140 26.89 15.58 -1.82
N GLN A 141 27.50 16.50 -1.09
CA GLN A 141 26.75 17.65 -0.60
C GLN A 141 26.67 18.74 -1.66
N ILE A 142 26.23 18.36 -2.86
CA ILE A 142 26.12 19.28 -3.99
C ILE A 142 24.74 19.09 -4.61
N ALA A 143 24.03 20.21 -4.87
CA ALA A 143 22.73 20.17 -5.49
C ALA A 143 22.92 19.63 -6.90
N ALA A 144 22.30 18.50 -7.19
CA ALA A 144 22.56 17.79 -8.42
C ALA A 144 22.31 18.56 -9.72
N ALA A 145 21.25 19.36 -9.75
CA ALA A 145 20.88 19.98 -11.00
C ALA A 145 21.60 21.27 -11.29
N THR A 146 22.22 21.85 -10.28
CA THR A 146 22.80 23.16 -10.46
C THR A 146 24.31 23.09 -10.21
N GLY A 147 24.78 22.04 -9.54
CA GLY A 147 26.19 21.96 -9.17
C GLY A 147 26.57 22.86 -8.02
N ALA A 148 25.58 23.50 -7.42
CA ALA A 148 25.82 24.41 -6.32
C ALA A 148 26.01 23.65 -5.00
N PRO A 149 26.69 24.28 -4.05
CA PRO A 149 26.77 23.72 -2.71
C PRO A 149 25.35 23.44 -2.17
N ALA A 150 25.11 22.26 -1.60
CA ALA A 150 23.79 21.97 -1.06
C ALA A 150 23.81 22.58 0.33
N LYS A 151 23.66 23.89 0.37
CA LYS A 151 23.88 24.66 1.60
C LYS A 151 22.68 24.58 2.54
N LEU A 152 21.49 24.45 1.97
CA LEU A 152 20.25 24.54 2.74
C LEU A 152 19.49 23.24 2.72
N SER A 153 18.86 22.87 3.83
CA SER A 153 17.96 21.74 3.87
C SER A 153 16.66 22.09 3.10
N HIS A 154 15.84 21.08 2.77
CA HIS A 154 14.63 21.39 2.04
C HIS A 154 13.70 22.39 2.71
N HIS A 155 13.57 22.29 4.03
CA HIS A 155 12.68 23.19 4.74
C HIS A 155 13.28 24.60 4.66
N GLU A 156 14.63 24.71 4.71
CA GLU A 156 15.26 26.03 4.67
C GLU A 156 15.10 26.66 3.30
N VAL A 157 15.25 25.89 2.23
CA VAL A 157 15.03 26.42 0.89
C VAL A 157 13.57 26.92 0.81
N LEU A 158 12.63 26.10 1.29
CA LEU A 158 11.21 26.42 1.19
C LEU A 158 10.86 27.67 2.02
N LEU A 159 11.47 27.81 3.18
CA LEU A 159 11.31 29.01 3.96
C LEU A 159 11.83 30.24 3.21
N ARG A 160 13.01 30.12 2.61
CA ARG A 160 13.60 31.26 1.93
C ARG A 160 12.80 31.66 0.68
N LEU A 161 12.08 30.70 0.08
CA LEU A 161 11.27 31.00 -1.08
C LEU A 161 9.92 31.54 -0.66
N ASP A 162 9.65 31.55 0.64
CA ASP A 162 8.33 31.90 1.12
C ASP A 162 7.29 30.96 0.48
N GLY A 163 7.59 29.68 0.46
CA GLY A 163 6.75 28.73 -0.25
C GLY A 163 5.84 27.90 0.65
N TYR A 164 5.94 28.10 1.96
CA TYR A 164 5.03 27.46 2.90
C TYR A 164 5.01 28.16 4.25
N ASP A 165 4.01 27.83 5.07
CA ASP A 165 3.86 28.47 6.37
C ASP A 165 3.63 27.45 7.47
N PRO A 166 4.71 26.97 8.10
CA PRO A 166 4.57 26.02 9.20
C PRO A 166 4.12 26.66 10.50
N GLU A 167 4.45 27.92 10.69
CA GLU A 167 4.12 28.58 11.95
C GLU A 167 2.59 28.84 12.10
N ARG A 168 1.98 29.45 11.09
CA ARG A 168 0.53 29.64 11.10
C ARG A 168 -0.15 28.28 10.96
N GLY A 169 0.51 27.37 10.26
CA GLY A 169 0.02 26.01 10.09
C GLY A 169 -0.12 25.32 11.42
N VAL A 170 0.93 25.40 12.23
CA VAL A 170 0.91 24.78 13.55
C VAL A 170 -0.18 25.38 14.44
N ARG A 171 -0.36 26.69 14.37
CA ARG A 171 -1.37 27.37 15.17
C ARG A 171 -2.79 26.88 14.84
N ILE A 172 -3.04 26.68 13.55
CA ILE A 172 -4.38 26.35 13.09
C ILE A 172 -4.76 24.87 13.18
N VAL A 173 -3.81 23.98 12.94
CA VAL A 173 -4.13 22.54 12.96
C VAL A 173 -3.21 21.67 13.82
N GLY A 174 -2.24 22.31 14.43
CA GLY A 174 -1.30 21.69 15.37
C GLY A 174 -0.08 21.07 14.70
N HIS A 175 0.48 20.08 15.36
CA HIS A 175 1.77 19.46 14.99
C HIS A 175 1.95 19.17 13.51
N ARG A 176 2.96 19.80 12.91
CA ARG A 176 3.36 19.62 11.52
C ARG A 176 2.34 20.14 10.49
N GLY A 177 1.36 20.91 10.97
CA GLY A 177 0.37 21.53 10.11
C GLY A 177 1.07 22.55 9.23
N TYR A 178 0.57 22.78 8.03
CA TYR A 178 1.24 23.76 7.16
C TYR A 178 0.31 24.30 6.11
N PHE A 179 0.55 25.54 5.70
CA PHE A 179 -0.04 26.02 4.45
C PHE A 179 1.06 25.97 3.41
N LEU A 180 0.69 25.76 2.16
CA LEU A 180 1.61 26.04 1.05
C LEU A 180 1.29 27.43 0.54
N ARG A 181 2.31 28.12 0.03
CA ARG A 181 2.18 29.51 -0.35
C ARG A 181 2.81 29.70 -1.68
N ASN A 182 2.15 30.49 -2.51
CA ASN A 182 2.73 30.84 -3.78
C ASN A 182 3.33 29.69 -4.58
N TYR A 183 4.65 29.74 -4.79
CA TYR A 183 5.29 28.72 -5.61
C TYR A 183 5.23 27.35 -4.98
N GLY A 184 5.04 27.30 -3.66
CA GLY A 184 4.78 26.03 -3.01
C GLY A 184 3.53 25.40 -3.57
N VAL A 185 2.53 26.24 -3.81
CA VAL A 185 1.26 25.76 -4.36
C VAL A 185 1.48 25.33 -5.79
N PHE A 186 2.13 26.21 -6.55
CA PHE A 186 2.33 25.96 -7.97
C PHE A 186 3.20 24.72 -8.19
N LEU A 187 4.22 24.52 -7.35
CA LEU A 187 5.08 23.33 -7.47
C LEU A 187 4.31 22.05 -7.14
N ASN A 188 3.48 22.09 -6.10
CA ASN A 188 2.69 20.92 -5.74
C ASN A 188 1.72 20.53 -6.88
N GLN A 189 0.98 21.51 -7.39
CA GLN A 189 0.09 21.28 -8.54
C GLN A 189 0.84 20.80 -9.78
N ALA A 190 2.00 21.40 -10.02
CA ALA A 190 2.80 20.99 -11.15
C ALA A 190 3.10 19.49 -11.10
N LEU A 191 3.51 19.00 -9.93
CA LEU A 191 3.81 17.58 -9.78
C LEU A 191 2.59 16.69 -9.98
N ILE A 192 1.47 17.13 -9.43
CA ILE A 192 0.22 16.42 -9.60
C ILE A 192 -0.12 16.31 -11.08
N ASN A 193 -0.07 17.43 -11.77
CA ASN A 193 -0.50 17.41 -13.16
C ASN A 193 0.54 16.77 -14.07
N TYR A 194 1.82 17.04 -13.81
CA TYR A 194 2.88 16.38 -14.56
C TYR A 194 2.73 14.87 -14.32
N GLY A 195 2.54 14.47 -13.06
CA GLY A 195 2.39 13.07 -12.75
C GLY A 195 1.23 12.38 -13.47
N LEU A 196 0.06 13.02 -13.49
CA LEU A 196 -1.10 12.45 -14.18
C LEU A 196 -0.82 12.37 -15.68
N LEU A 197 -0.23 13.41 -16.26
CA LEU A 197 0.11 13.38 -17.68
C LEU A 197 1.11 12.26 -18.00
N PHE A 198 2.09 12.08 -17.12
CA PHE A 198 3.15 11.11 -17.33
C PHE A 198 2.56 9.68 -17.33
N LEU A 199 1.74 9.35 -16.35
CA LEU A 199 1.14 8.02 -16.30
C LEU A 199 0.10 7.78 -17.39
N SER A 200 -0.72 8.78 -17.70
CA SER A 200 -1.75 8.58 -18.70
C SER A 200 -1.12 8.32 -20.08
N SER A 201 0.01 8.98 -20.35
CA SER A 201 0.71 8.77 -21.61
C SER A 201 1.25 7.34 -21.67
N LYS A 202 1.37 6.69 -20.52
CA LYS A 202 1.77 5.29 -20.43
C LYS A 202 0.58 4.34 -20.33
N GLY A 203 -0.61 4.87 -20.60
CA GLY A 203 -1.80 4.06 -20.61
C GLY A 203 -2.50 3.90 -19.28
N TYR A 204 -2.07 4.64 -18.26
CA TYR A 204 -2.80 4.59 -17.00
C TYR A 204 -4.10 5.44 -17.10
N VAL A 205 -5.15 5.01 -16.41
CA VAL A 205 -6.37 5.79 -16.36
C VAL A 205 -6.38 6.71 -15.14
N PRO A 206 -6.45 8.02 -15.37
CA PRO A 206 -6.52 8.91 -14.20
C PRO A 206 -7.77 8.61 -13.37
N LEU A 207 -7.57 8.51 -12.07
CA LEU A 207 -8.62 8.19 -11.14
C LEU A 207 -8.44 8.97 -9.85
N GLN A 208 -9.33 9.89 -9.57
CA GLN A 208 -9.23 10.65 -8.34
C GLN A 208 -10.15 10.02 -7.34
N ALA A 209 -9.58 9.54 -6.25
CA ALA A 209 -10.31 8.77 -5.27
C ALA A 209 -10.89 9.64 -4.16
N PRO A 210 -12.02 9.23 -3.59
CA PRO A 210 -12.57 9.88 -2.41
C PRO A 210 -11.61 9.63 -1.26
N VAL A 211 -11.52 10.55 -0.31
CA VAL A 211 -10.58 10.40 0.79
C VAL A 211 -11.23 9.86 2.06
N MET A 212 -12.52 9.57 2.00
CA MET A 212 -13.19 8.85 3.09
C MET A 212 -13.58 7.48 2.64
N MET A 213 -13.55 6.54 3.56
CA MET A 213 -13.93 5.17 3.25
C MET A 213 -14.75 4.61 4.39
N ASN A 214 -15.75 3.82 4.02
CA ASN A 214 -16.55 3.07 4.97
C ASN A 214 -15.64 2.07 5.67
N LYS A 215 -15.91 1.85 6.95
CA LYS A 215 -15.06 0.98 7.77
C LYS A 215 -14.89 -0.41 7.20
N GLU A 216 -16.00 -1.00 6.77
CA GLU A 216 -16.02 -2.39 6.30
C GLU A 216 -15.21 -2.64 5.03
N VAL A 217 -15.24 -1.70 4.10
CA VAL A 217 -14.40 -1.82 2.92
C VAL A 217 -12.93 -1.64 3.26
N MET A 218 -12.65 -0.64 4.09
CA MET A 218 -11.26 -0.38 4.45
C MET A 218 -10.65 -1.63 5.11
N ALA A 219 -11.43 -2.33 5.92
CA ALA A 219 -10.89 -3.47 6.66
C ALA A 219 -10.51 -4.62 5.73
N LYS A 220 -11.13 -4.68 4.56
CA LYS A 220 -10.80 -5.72 3.60
C LYS A 220 -9.51 -5.44 2.82
N THR A 221 -9.08 -4.19 2.83
CA THR A 221 -7.90 -3.87 2.05
C THR A 221 -6.69 -3.48 2.88
N ALA A 222 -6.91 -3.10 4.14
CA ALA A 222 -5.79 -2.65 4.98
C ALA A 222 -5.64 -3.54 6.21
N GLN A 223 -4.40 -3.76 6.62
CA GLN A 223 -4.09 -4.67 7.74
C GLN A 223 -4.42 -4.07 9.11
N LEU A 224 -4.53 -4.93 10.11
CA LEU A 224 -4.93 -4.51 11.46
C LEU A 224 -4.12 -3.31 11.98
N SER A 225 -2.80 -3.41 11.90
CA SER A 225 -1.93 -2.35 12.41
C SER A 225 -2.29 -0.98 11.85
N GLN A 226 -2.80 -0.98 10.62
CA GLN A 226 -3.10 0.26 9.92
C GLN A 226 -4.18 1.08 10.66
N PHE A 227 -5.16 0.42 11.25
CA PHE A 227 -6.24 1.13 11.95
C PHE A 227 -5.88 1.78 13.27
N ASP A 228 -5.37 0.99 14.19
CA ASP A 228 -5.13 1.45 15.56
C ASP A 228 -3.81 2.19 15.63
N GLU A 229 -3.58 3.07 14.68
CA GLU A 229 -2.28 3.70 14.56
C GLU A 229 -2.14 4.67 13.40
N GLU A 230 -2.65 4.30 12.24
CA GLU A 230 -2.32 5.08 11.06
C GLU A 230 -3.48 5.96 10.59
N LEU A 231 -4.71 5.48 10.75
CA LEU A 231 -5.84 6.16 10.13
C LEU A 231 -6.63 7.06 11.08
N TYR A 232 -7.00 8.23 10.59
CA TYR A 232 -7.91 9.11 11.28
C TYR A 232 -9.32 8.56 11.13
N LYS A 233 -10.08 8.60 12.21
CA LYS A 233 -11.48 8.24 12.17
C LYS A 233 -12.33 9.50 11.98
N VAL A 234 -13.38 9.39 11.15
CA VAL A 234 -14.27 10.52 10.90
C VAL A 234 -15.65 10.28 11.56
N ILE A 235 -16.17 11.28 12.27
CA ILE A 235 -17.48 11.14 12.88
C ILE A 235 -18.48 11.86 12.02
N ASP A 236 -19.47 11.11 11.57
CA ASP A 236 -20.47 11.62 10.65
C ASP A 236 -21.83 11.33 11.32
N GLY A 237 -22.25 12.23 12.20
CA GLY A 237 -23.41 12.01 13.06
C GLY A 237 -23.24 10.75 13.88
N GLU A 238 -24.00 9.71 13.52
CA GLU A 238 -23.96 8.44 14.24
C GLU A 238 -23.02 7.45 13.58
N ASP A 239 -22.62 7.75 12.36
CA ASP A 239 -21.77 6.85 11.57
C ASP A 239 -20.30 7.24 11.69
N GLU A 240 -19.44 6.35 11.24
CA GLU A 240 -18.00 6.59 11.27
C GLU A 240 -17.41 6.13 9.96
N LYS A 241 -16.41 6.86 9.49
CA LYS A 241 -15.67 6.45 8.31
C LYS A 241 -14.20 6.63 8.66
N TYR A 242 -13.31 6.25 7.75
CA TYR A 242 -11.89 6.54 7.91
C TYR A 242 -11.43 7.50 6.84
N LEU A 243 -10.43 8.32 7.14
CA LEU A 243 -9.72 9.02 6.09
C LEU A 243 -8.67 8.07 5.55
N ILE A 244 -8.44 8.08 4.23
CA ILE A 244 -7.50 7.15 3.64
C ILE A 244 -6.04 7.59 3.87
N ALA A 245 -5.12 6.62 3.94
CA ALA A 245 -3.68 6.92 4.05
C ALA A 245 -3.10 7.03 2.65
N THR A 246 -3.82 6.54 1.66
CA THR A 246 -3.33 6.48 0.28
C THR A 246 -4.45 6.05 -0.67
N SER A 247 -4.45 6.57 -1.89
CA SER A 247 -5.52 6.26 -2.82
C SER A 247 -5.49 4.75 -3.16
N GLU A 248 -4.37 4.09 -2.85
CA GLU A 248 -4.29 2.65 -3.03
C GLU A 248 -5.42 1.91 -2.28
N GLN A 249 -5.81 2.47 -1.15
CA GLN A 249 -6.89 1.86 -0.38
C GLN A 249 -8.22 1.85 -1.14
N PRO A 250 -8.80 3.03 -1.44
CA PRO A 250 -10.07 2.95 -2.19
C PRO A 250 -9.94 2.36 -3.61
N ILE A 251 -8.83 2.60 -4.26
CA ILE A 251 -8.69 2.13 -5.63
C ILE A 251 -8.54 0.59 -5.64
N SER A 252 -7.93 0.01 -4.61
CA SER A 252 -7.81 -1.45 -4.58
C SER A 252 -9.19 -2.06 -4.52
N ALA A 253 -10.14 -1.35 -3.91
CA ALA A 253 -11.49 -1.87 -3.76
C ALA A 253 -12.41 -1.49 -4.91
N TYR A 254 -11.87 -0.70 -5.83
CA TYR A 254 -12.65 -0.21 -6.97
C TYR A 254 -13.35 -1.36 -7.72
N HIS A 255 -12.63 -2.46 -7.95
CA HIS A 255 -13.19 -3.60 -8.68
C HIS A 255 -13.61 -4.74 -7.74
N ALA A 256 -13.80 -4.45 -6.46
CA ALA A 256 -14.21 -5.51 -5.54
C ALA A 256 -15.45 -6.21 -6.09
N GLY A 257 -15.49 -7.54 -6.00
CA GLY A 257 -16.69 -8.30 -6.38
C GLY A 257 -16.93 -8.35 -7.89
N GLU A 258 -15.90 -8.02 -8.65
CA GLU A 258 -16.01 -8.04 -10.10
C GLU A 258 -15.17 -9.19 -10.64
N TRP A 259 -15.31 -9.47 -11.93
CA TRP A 259 -14.74 -10.67 -12.51
C TRP A 259 -14.18 -10.31 -13.87
N PHE A 260 -12.87 -10.44 -14.02
CA PHE A 260 -12.26 -10.29 -15.33
C PHE A 260 -12.28 -11.65 -16.01
N GLU A 261 -13.40 -11.94 -16.67
CA GLU A 261 -13.64 -13.29 -17.20
C GLU A 261 -12.89 -13.50 -18.50
N SER A 262 -12.49 -12.41 -19.16
CA SER A 262 -11.64 -12.50 -20.36
C SER A 262 -10.36 -11.72 -20.16
N PRO A 263 -9.48 -12.24 -19.30
CA PRO A 263 -8.35 -11.45 -18.83
C PRO A 263 -7.32 -11.09 -19.90
N ALA A 264 -7.18 -11.94 -20.93
CA ALA A 264 -6.23 -11.69 -22.01
C ALA A 264 -6.51 -10.38 -22.70
N GLU A 265 -7.80 -10.07 -22.76
CA GLU A 265 -8.28 -8.88 -23.42
C GLU A 265 -8.54 -7.75 -22.43
N GLN A 266 -9.01 -8.10 -21.23
CA GLN A 266 -9.41 -7.08 -20.25
C GLN A 266 -8.30 -6.57 -19.36
N LEU A 267 -7.27 -7.40 -19.15
CA LEU A 267 -6.15 -7.02 -18.31
C LEU A 267 -4.90 -6.84 -19.16
N PRO A 268 -3.93 -6.07 -18.64
CA PRO A 268 -3.96 -5.39 -17.34
C PRO A 268 -4.78 -4.11 -17.32
N VAL A 269 -5.25 -3.76 -16.13
CA VAL A 269 -5.88 -2.48 -15.89
C VAL A 269 -4.94 -1.60 -15.02
N ARG A 270 -4.68 -0.38 -15.50
CA ARG A 270 -3.71 0.47 -14.86
C ARG A 270 -4.32 1.81 -14.47
N TYR A 271 -4.24 2.15 -13.19
CA TYR A 271 -4.78 3.42 -12.72
C TYR A 271 -3.72 4.37 -12.22
N ALA A 272 -3.87 5.62 -12.64
CA ALA A 272 -3.10 6.69 -12.09
C ALA A 272 -3.92 7.31 -10.99
N GLY A 273 -3.75 6.83 -9.76
CA GLY A 273 -4.59 7.30 -8.67
C GLY A 273 -4.09 8.64 -8.15
N TYR A 274 -5.03 9.51 -7.81
CA TYR A 274 -4.69 10.80 -7.22
C TYR A 274 -5.61 11.07 -6.06
N SER A 275 -5.03 11.49 -4.94
CA SER A 275 -5.83 11.92 -3.82
C SER A 275 -4.91 12.57 -2.81
N SER A 276 -5.51 13.29 -1.86
CA SER A 276 -4.79 13.62 -0.65
C SER A 276 -4.72 12.37 0.24
N CYS A 277 -3.80 12.39 1.22
CA CYS A 277 -3.52 11.23 2.06
C CYS A 277 -3.36 11.74 3.50
N PHE A 278 -3.81 10.93 4.45
CA PHE A 278 -3.80 11.35 5.83
C PHE A 278 -3.23 10.26 6.71
N ARG A 279 -2.23 10.62 7.49
CA ARG A 279 -1.56 9.65 8.35
C ARG A 279 -1.42 10.21 9.77
N ARG A 280 -1.94 9.49 10.76
CA ARG A 280 -1.81 9.90 12.15
C ARG A 280 -0.36 9.89 12.63
N GLU A 281 0.46 9.02 12.07
CA GLU A 281 1.87 8.94 12.45
C GLU A 281 2.74 9.74 11.50
N ALA A 282 3.30 10.83 11.98
CA ALA A 282 4.32 11.54 11.22
C ALA A 282 5.45 12.05 12.11
N GLY A 283 6.58 11.35 12.07
CA GLY A 283 7.74 11.65 12.91
C GLY A 283 7.59 11.25 14.37
N ALA A 289 11.90 16.06 10.85
CA ALA A 289 11.70 17.19 11.75
C ALA A 289 10.88 18.29 11.06
N TRP A 290 11.44 19.48 10.94
CA TRP A 290 10.72 20.60 10.33
C TRP A 290 10.66 20.39 8.81
N GLY A 291 9.58 20.86 8.19
CA GLY A 291 9.44 20.81 6.74
C GLY A 291 8.19 20.05 6.30
N ILE A 292 8.09 19.76 5.01
CA ILE A 292 6.92 19.07 4.46
C ILE A 292 7.33 17.68 3.97
N PHE A 293 8.37 17.13 4.58
CA PHE A 293 8.84 15.81 4.19
C PHE A 293 8.02 14.68 4.80
N ARG A 294 7.74 14.79 6.09
CA ARG A 294 6.90 13.82 6.78
C ARG A 294 5.80 14.55 7.53
N VAL A 295 4.60 14.55 6.97
CA VAL A 295 3.52 15.37 7.52
C VAL A 295 2.22 14.54 7.59
N HIS A 296 1.18 15.07 8.20
CA HIS A 296 -0.03 14.27 8.39
C HIS A 296 -0.93 14.25 7.17
N ALA A 297 -0.79 15.24 6.29
CA ALA A 297 -1.66 15.37 5.14
C ALA A 297 -0.83 15.78 3.95
N PHE A 298 -0.99 15.11 2.81
CA PHE A 298 -0.16 15.41 1.66
C PHE A 298 -0.84 14.79 0.47
N GLU A 299 -0.36 15.12 -0.72
CA GLU A 299 -0.96 14.53 -1.92
C GLU A 299 -0.06 13.47 -2.51
N LYS A 300 -0.65 12.51 -3.20
CA LYS A 300 0.13 11.46 -3.82
C LYS A 300 -0.48 11.04 -5.15
N ILE A 301 0.37 10.85 -6.15
CA ILE A 301 -0.01 10.13 -7.33
C ILE A 301 0.47 8.70 -7.16
N GLU A 302 -0.47 7.77 -7.28
CA GLU A 302 -0.20 6.36 -7.01
C GLU A 302 -0.49 5.54 -8.28
N GLN A 303 0.39 4.58 -8.58
CA GLN A 303 0.10 3.55 -9.56
C GLN A 303 -0.62 2.42 -8.89
N PHE A 304 -1.72 1.98 -9.47
CA PHE A 304 -2.39 0.77 -9.01
C PHE A 304 -2.74 -0.06 -10.22
N VAL A 305 -2.33 -1.32 -10.23
CA VAL A 305 -2.46 -2.15 -11.42
C VAL A 305 -3.03 -3.50 -11.07
N LEU A 306 -3.98 -3.97 -11.89
CA LEU A 306 -4.47 -5.33 -11.80
C LEU A 306 -3.95 -6.09 -13.00
N THR A 307 -3.44 -7.30 -12.78
CA THR A 307 -2.96 -8.11 -13.89
C THR A 307 -3.38 -9.58 -13.73
N GLU A 308 -3.20 -10.35 -14.80
CA GLU A 308 -3.27 -11.80 -14.69
C GLU A 308 -2.15 -12.28 -13.78
N PRO A 309 -2.42 -13.35 -13.01
CA PRO A 309 -1.44 -13.87 -12.07
C PRO A 309 -0.10 -14.14 -12.78
N GLU A 310 -0.18 -14.63 -14.01
CA GLU A 310 1.01 -15.01 -14.75
C GLU A 310 1.84 -13.79 -15.16
N LYS A 311 1.28 -12.58 -15.06
CA LYS A 311 1.96 -11.42 -15.63
C LYS A 311 2.45 -10.40 -14.62
N SER A 312 2.21 -10.64 -13.35
CA SER A 312 2.46 -9.60 -12.38
C SER A 312 3.95 -9.26 -12.11
N TRP A 313 4.85 -10.25 -12.22
CA TRP A 313 6.27 -9.99 -11.93
C TRP A 313 6.86 -9.10 -13.01
N GLU A 314 6.50 -9.40 -14.25
CA GLU A 314 6.84 -8.53 -15.35
C GLU A 314 6.24 -7.14 -15.13
N GLU A 315 5.01 -7.06 -14.62
CA GLU A 315 4.39 -5.76 -14.40
C GLU A 315 5.11 -4.97 -13.32
N PHE A 316 5.56 -5.72 -12.33
CA PHE A 316 6.28 -5.15 -11.21
C PHE A 316 7.49 -4.39 -11.76
N ASP A 317 8.22 -5.02 -12.67
CA ASP A 317 9.38 -4.38 -13.29
C ASP A 317 9.01 -3.15 -14.10
N ARG A 318 7.91 -3.24 -14.84
CA ARG A 318 7.42 -2.11 -15.62
C ARG A 318 7.06 -0.93 -14.72
N MET A 319 6.45 -1.22 -13.60
CA MET A 319 5.99 -0.16 -12.69
C MET A 319 7.11 0.56 -11.97
N ILE A 320 8.10 -0.19 -11.46
CA ILE A 320 9.24 0.48 -10.86
C ILE A 320 9.98 1.25 -11.98
N GLY A 321 9.97 0.67 -13.18
CA GLY A 321 10.54 1.32 -14.35
C GLY A 321 9.84 2.65 -14.67
N CYS A 322 8.52 2.72 -14.50
CA CYS A 322 7.83 4.00 -14.67
C CYS A 322 8.29 5.06 -13.65
N SER A 323 8.40 4.67 -12.40
CA SER A 323 8.80 5.61 -11.37
C SER A 323 10.23 6.12 -11.59
N GLU A 324 11.12 5.20 -11.96
CA GLU A 324 12.52 5.52 -12.28
C GLU A 324 12.58 6.58 -13.37
N GLU A 325 11.87 6.33 -14.46
CA GLU A 325 11.79 7.27 -15.57
C GLU A 325 11.29 8.63 -15.10
N PHE A 326 10.28 8.60 -14.26
CA PHE A 326 9.77 9.82 -13.70
C PHE A 326 10.84 10.66 -12.97
N TYR A 327 11.54 10.03 -12.04
CA TYR A 327 12.61 10.73 -11.32
C TYR A 327 13.76 11.17 -12.21
N GLN A 328 14.04 10.36 -13.23
CA GLN A 328 15.06 10.73 -14.19
C GLN A 328 14.63 11.99 -14.91
N SER A 329 13.35 12.08 -15.24
CA SER A 329 12.86 13.22 -15.97
C SER A 329 12.96 14.48 -15.08
N LEU A 330 12.98 14.27 -13.77
CA LEU A 330 13.14 15.40 -12.85
C LEU A 330 14.63 15.66 -12.52
N GLY A 331 15.51 14.79 -13.00
CA GLY A 331 16.94 14.99 -12.77
C GLY A 331 17.44 14.71 -11.35
N LEU A 332 16.72 13.87 -10.63
CA LEU A 332 17.01 13.57 -9.23
C LEU A 332 17.75 12.22 -9.11
N PRO A 333 18.97 12.23 -8.56
CA PRO A 333 19.72 10.97 -8.39
C PRO A 333 18.96 10.06 -7.42
N TYR A 334 19.10 8.76 -7.60
CA TYR A 334 18.38 7.85 -6.71
C TYR A 334 19.02 6.49 -6.71
N ARG A 335 18.60 5.65 -5.78
CA ARG A 335 18.91 4.24 -5.87
C ARG A 335 17.62 3.44 -5.67
N VAL A 336 17.57 2.21 -6.16
CA VAL A 336 16.44 1.33 -5.93
C VAL A 336 16.93 0.18 -5.07
N VAL A 337 16.23 -0.09 -3.98
CA VAL A 337 16.63 -1.12 -3.04
C VAL A 337 15.50 -2.16 -2.84
N GLY A 338 15.88 -3.42 -2.68
CA GLY A 338 14.91 -4.48 -2.43
C GLY A 338 14.80 -4.67 -0.92
N ILE A 339 13.63 -4.36 -0.39
CA ILE A 339 13.40 -4.37 1.05
C ILE A 339 13.50 -5.78 1.63
N VAL A 340 14.18 -5.92 2.76
CA VAL A 340 14.37 -7.24 3.35
C VAL A 340 13.03 -7.79 3.84
N SER A 341 12.94 -9.10 3.93
CA SER A 341 11.70 -9.79 4.28
C SER A 341 11.09 -9.28 5.60
N GLY A 342 11.92 -9.01 6.61
CA GLY A 342 11.40 -8.65 7.92
C GLY A 342 10.69 -7.29 7.91
N GLU A 343 10.83 -6.54 6.82
CA GLU A 343 10.25 -5.21 6.70
C GLU A 343 9.06 -5.16 5.72
N LEU A 344 8.68 -6.29 5.13
CA LEU A 344 7.51 -6.29 4.26
C LEU A 344 6.24 -6.27 5.10
N ASN A 345 5.27 -5.49 4.66
CA ASN A 345 3.94 -5.56 5.26
C ASN A 345 3.28 -6.86 4.79
N ASN A 346 2.14 -7.21 5.38
CA ASN A 346 1.47 -8.49 5.12
C ASN A 346 1.16 -8.81 3.66
N ALA A 347 0.72 -7.81 2.92
CA ALA A 347 0.23 -8.02 1.55
C ALA A 347 1.32 -8.19 0.53
N ALA A 348 2.47 -7.58 0.79
CA ALA A 348 3.57 -7.54 -0.18
C ALA A 348 4.30 -8.87 -0.23
N ALA A 349 4.45 -9.41 -1.43
CA ALA A 349 5.31 -10.57 -1.66
C ALA A 349 6.73 -10.13 -1.98
N LYS A 350 6.84 -8.91 -2.48
CA LYS A 350 8.09 -8.29 -2.86
C LYS A 350 7.90 -6.79 -2.94
N LYS A 351 8.92 -6.04 -2.50
CA LYS A 351 8.87 -4.58 -2.46
C LYS A 351 10.21 -3.96 -2.84
N TYR A 352 10.16 -3.00 -3.76
CA TYR A 352 11.29 -2.16 -4.10
C TYR A 352 10.99 -0.74 -3.64
N ASP A 353 11.96 -0.09 -3.01
CA ASP A 353 11.85 1.33 -2.73
C ASP A 353 12.80 2.08 -3.65
N LEU A 354 12.32 3.18 -4.23
CA LEU A 354 13.21 4.11 -4.88
C LEU A 354 13.51 5.19 -3.83
N GLU A 355 14.79 5.38 -3.55
CA GLU A 355 15.22 6.34 -2.55
C GLU A 355 16.07 7.39 -3.22
N ALA A 356 15.65 8.65 -3.13
CA ALA A 356 16.34 9.69 -3.90
C ALA A 356 17.39 10.38 -3.02
N TRP A 357 18.42 10.88 -3.67
CA TRP A 357 19.50 11.54 -2.94
C TRP A 357 19.10 12.94 -2.47
N PHE A 358 19.27 13.16 -1.17
CA PHE A 358 19.07 14.47 -0.59
C PHE A 358 20.45 15.03 -0.21
N PRO A 359 20.98 15.97 -1.00
CA PRO A 359 22.38 16.37 -0.86
C PRO A 359 22.66 17.16 0.42
N PHE A 360 21.69 17.87 0.98
CA PHE A 360 22.00 18.53 2.25
C PHE A 360 22.10 17.47 3.34
N GLN A 361 21.09 16.61 3.37
CA GLN A 361 21.04 15.52 4.33
C GLN A 361 22.23 14.58 4.13
N GLN A 362 22.74 14.58 2.90
CA GLN A 362 23.72 13.61 2.45
C GLN A 362 23.26 12.16 2.70
N GLU A 363 22.02 11.85 2.37
CA GLU A 363 21.55 10.47 2.45
C GLU A 363 20.44 10.24 1.45
N TYR A 364 20.26 8.97 1.10
CA TYR A 364 19.13 8.57 0.30
C TYR A 364 17.88 8.46 1.14
N LYS A 365 16.80 9.04 0.65
CA LYS A 365 15.53 8.96 1.36
C LYS A 365 14.42 8.42 0.49
N GLU A 366 13.61 7.57 1.08
CA GLU A 366 12.52 6.94 0.34
C GLU A 366 11.51 7.93 -0.27
N LEU A 367 11.29 7.82 -1.58
CA LEU A 367 10.24 8.59 -2.23
C LEU A 367 9.15 7.65 -2.81
N VAL A 368 9.54 6.43 -3.14
CA VAL A 368 8.65 5.48 -3.78
C VAL A 368 8.74 4.10 -3.12
N SER A 369 7.61 3.45 -2.85
CA SER A 369 7.61 2.01 -2.57
C SER A 369 6.71 1.38 -3.65
N CYS A 370 7.18 0.26 -4.18
CA CYS A 370 6.51 -0.49 -5.22
C CYS A 370 6.41 -1.93 -4.78
N SER A 371 5.20 -2.46 -4.72
CA SER A 371 4.97 -3.80 -4.19
C SER A 371 4.09 -4.64 -5.10
N ASN A 372 4.43 -5.92 -5.22
CA ASN A 372 3.56 -6.91 -5.80
C ASN A 372 2.90 -7.63 -4.67
N CYS A 373 1.57 -7.46 -4.58
CA CYS A 373 0.78 -8.10 -3.54
C CYS A 373 0.09 -9.35 -4.02
N THR A 374 0.50 -9.85 -5.19
CA THR A 374 -0.16 -11.00 -5.81
C THR A 374 -1.66 -10.96 -5.56
N ASP A 375 -2.24 -12.05 -5.06
CA ASP A 375 -3.70 -12.09 -4.91
C ASP A 375 -4.13 -12.02 -3.46
N TYR A 376 -3.27 -11.50 -2.61
CA TYR A 376 -3.57 -11.43 -1.19
C TYR A 376 -4.80 -10.54 -0.91
N GLN A 377 -4.86 -9.38 -1.55
CA GLN A 377 -6.00 -8.49 -1.34
C GLN A 377 -7.17 -8.86 -2.23
N SER A 378 -6.85 -9.24 -3.46
CA SER A 378 -7.88 -9.53 -4.44
C SER A 378 -8.73 -10.73 -3.97
N ARG A 379 -8.11 -11.63 -3.22
CA ARG A 379 -8.83 -12.75 -2.63
C ARG A 379 -9.85 -12.21 -1.66
N ASN A 380 -9.44 -11.27 -0.79
CA ASN A 380 -10.38 -10.66 0.15
C ASN A 380 -11.51 -9.87 -0.52
N LEU A 381 -11.17 -9.15 -1.60
CA LEU A 381 -12.09 -8.23 -2.28
C LEU A 381 -12.89 -8.99 -3.37
N GLU A 382 -12.64 -10.28 -3.50
CA GLU A 382 -13.27 -11.13 -4.51
C GLU A 382 -13.19 -10.55 -5.92
N ILE A 383 -11.97 -10.30 -6.38
CA ILE A 383 -11.73 -9.82 -7.74
C ILE A 383 -11.18 -10.96 -8.59
N ARG A 384 -12.05 -11.64 -9.30
CA ARG A 384 -11.69 -12.89 -9.97
C ARG A 384 -11.05 -12.66 -11.32
N CYS A 385 -10.29 -13.65 -11.75
CA CYS A 385 -9.58 -13.55 -12.99
C CYS A 385 -9.75 -14.86 -13.76
N GLY A 386 -10.36 -14.80 -14.92
CA GLY A 386 -10.46 -15.94 -15.82
C GLY A 386 -11.41 -17.02 -15.33
N ILE A 387 -11.43 -18.16 -16.00
CA ILE A 387 -12.30 -19.27 -15.60
C ILE A 387 -11.60 -20.25 -14.65
N GLU A 394 -10.00 -24.42 -7.08
CA GLU A 394 -10.61 -23.27 -6.43
C GLU A 394 -10.44 -21.97 -7.25
N LYS A 395 -11.08 -20.88 -6.80
CA LYS A 395 -11.13 -19.64 -7.57
C LYS A 395 -9.75 -19.04 -7.87
N LYS A 396 -9.64 -18.39 -9.01
CA LYS A 396 -8.40 -17.73 -9.42
C LYS A 396 -8.68 -16.20 -9.44
N TYR A 397 -7.79 -15.44 -8.80
CA TYR A 397 -7.97 -14.01 -8.60
C TYR A 397 -6.90 -13.24 -9.36
N VAL A 398 -7.16 -11.97 -9.66
CA VAL A 398 -6.17 -11.13 -10.31
C VAL A 398 -5.01 -10.92 -9.37
N HIS A 399 -3.89 -10.44 -9.88
CA HIS A 399 -2.86 -9.94 -8.98
C HIS A 399 -2.96 -8.42 -8.91
N CYS A 400 -2.68 -7.87 -7.74
CA CYS A 400 -2.70 -6.43 -7.50
C CYS A 400 -1.32 -5.92 -7.14
N LEU A 401 -0.91 -4.85 -7.79
CA LEU A 401 0.38 -4.21 -7.52
C LEU A 401 0.13 -2.73 -7.28
N ASN A 402 0.94 -2.13 -6.41
CA ASN A 402 0.86 -0.70 -6.15
C ASN A 402 2.27 -0.11 -6.02
N SER A 403 2.44 1.09 -6.55
CA SER A 403 3.69 1.81 -6.51
C SER A 403 3.49 3.31 -6.50
N THR A 404 4.08 3.99 -5.54
CA THR A 404 4.06 5.44 -5.56
C THR A 404 4.60 5.94 -6.88
N LEU A 405 3.94 6.93 -7.47
CA LEU A 405 4.66 7.68 -8.50
C LEU A 405 5.34 8.87 -7.81
N SER A 406 4.54 9.70 -7.15
CA SER A 406 5.07 10.83 -6.38
C SER A 406 4.21 11.18 -5.17
N ALA A 407 4.82 11.08 -3.99
CA ALA A 407 4.32 11.81 -2.82
C ALA A 407 4.77 13.25 -2.99
N THR A 408 3.85 14.15 -3.35
CA THR A 408 4.24 15.39 -4.01
C THR A 408 5.02 16.36 -3.10
N GLU A 409 4.56 16.55 -1.87
CA GLU A 409 5.31 17.43 -0.97
C GLU A 409 6.72 16.88 -0.68
N ARG A 410 6.83 15.58 -0.52
CA ARG A 410 8.11 14.96 -0.27
C ARG A 410 8.98 15.08 -1.51
N THR A 411 8.36 14.93 -2.68
CA THR A 411 9.09 15.09 -3.91
C THR A 411 9.55 16.55 -4.07
N ILE A 412 8.73 17.49 -3.61
CA ILE A 412 9.16 18.88 -3.62
C ILE A 412 10.44 19.06 -2.78
N CYS A 413 10.48 18.41 -1.62
CA CYS A 413 11.65 18.47 -0.76
C CYS A 413 12.91 18.01 -1.48
N CYS A 414 12.81 16.94 -2.26
CA CYS A 414 13.99 16.45 -2.98
C CYS A 414 14.43 17.46 -4.00
N ILE A 415 13.46 18.00 -4.72
CA ILE A 415 13.69 19.08 -5.66
C ILE A 415 14.34 20.30 -5.04
N LEU A 416 13.83 20.72 -3.90
CA LEU A 416 14.38 21.89 -3.24
C LEU A 416 15.89 21.73 -3.00
N GLU A 417 16.31 20.58 -2.50
CA GLU A 417 17.74 20.41 -2.22
C GLU A 417 18.62 20.29 -3.43
N ASN A 418 18.06 19.70 -4.47
CA ASN A 418 18.83 19.45 -5.66
C ASN A 418 18.81 20.58 -6.69
N TYR A 419 17.91 21.54 -6.52
CA TYR A 419 17.77 22.62 -7.48
C TYR A 419 18.11 23.97 -6.86
N GLN A 420 18.61 23.96 -5.63
CA GLN A 420 18.98 25.19 -4.95
C GLN A 420 20.28 25.73 -5.55
N LYS A 421 20.42 27.05 -5.52
CA LYS A 421 21.71 27.70 -5.74
C LYS A 421 21.76 28.93 -4.85
N GLU A 422 22.77 29.77 -5.02
CA GLU A 422 23.09 30.77 -4.01
C GLU A 422 21.93 31.75 -3.79
N ASP A 423 21.25 32.12 -4.88
CA ASP A 423 20.24 33.17 -4.88
CA ASP A 423 20.22 33.15 -4.77
C ASP A 423 18.78 32.69 -5.06
N GLY A 424 18.59 31.38 -5.24
CA GLY A 424 17.24 30.85 -5.32
C GLY A 424 17.14 29.43 -5.83
N LEU A 425 16.04 29.12 -6.50
CA LEU A 425 15.73 27.78 -6.94
C LEU A 425 15.55 27.71 -8.46
N VAL A 426 16.29 26.84 -9.14
CA VAL A 426 16.02 26.55 -10.54
C VAL A 426 14.75 25.65 -10.59
N ILE A 427 13.81 25.98 -11.49
CA ILE A 427 12.60 25.16 -11.65
C ILE A 427 12.90 24.02 -12.61
N PRO A 428 12.72 22.78 -12.16
CA PRO A 428 12.92 21.66 -13.08
C PRO A 428 12.20 21.89 -14.39
N GLU A 429 12.93 21.73 -15.49
CA GLU A 429 12.44 21.99 -16.83
C GLU A 429 11.07 21.36 -17.10
N VAL A 430 10.88 20.08 -16.78
CA VAL A 430 9.57 19.47 -17.07
C VAL A 430 8.40 20.10 -16.31
N LEU A 431 8.68 20.78 -15.22
CA LEU A 431 7.61 21.37 -14.44
C LEU A 431 7.25 22.78 -14.88
N ARG A 432 8.13 23.42 -15.65
CA ARG A 432 7.96 24.84 -15.96
C ARG A 432 6.64 25.21 -16.62
N LYS A 433 6.20 24.41 -17.60
CA LYS A 433 4.96 24.69 -18.33
C LYS A 433 3.75 24.69 -17.41
N TYR A 434 3.88 24.11 -16.21
CA TYR A 434 2.71 23.99 -15.30
C TYR A 434 2.64 25.15 -14.34
N ILE A 435 3.56 26.09 -14.49
CA ILE A 435 3.63 27.16 -13.53
C ILE A 435 3.45 28.51 -14.21
N PRO A 436 2.57 29.34 -13.66
CA PRO A 436 2.33 30.60 -14.35
C PRO A 436 3.64 31.37 -14.55
N GLY A 437 3.81 31.90 -15.77
CA GLY A 437 5.01 32.62 -16.16
C GLY A 437 6.11 31.69 -16.65
N GLU A 438 5.93 30.38 -16.45
CA GLU A 438 6.93 29.37 -16.80
C GLU A 438 8.33 29.82 -16.43
N PRO A 439 8.50 30.21 -15.16
CA PRO A 439 9.79 30.68 -14.66
C PRO A 439 10.80 29.56 -14.78
N GLU A 440 12.03 29.90 -15.14
CA GLU A 440 13.14 28.95 -15.13
C GLU A 440 13.80 28.97 -13.77
N PHE A 441 13.49 29.98 -12.97
CA PHE A 441 14.20 30.21 -11.74
C PHE A 441 13.35 31.15 -10.90
N ILE A 442 13.33 30.90 -9.59
CA ILE A 442 12.65 31.79 -8.67
C ILE A 442 13.59 32.14 -7.52
N PRO A 443 13.66 33.44 -7.18
CA PRO A 443 14.62 33.97 -6.21
C PRO A 443 14.17 33.70 -4.80
N TYR A 444 15.13 33.58 -3.89
CA TYR A 444 14.89 33.61 -2.47
C TYR A 444 14.27 34.96 -2.13
N ILE A 445 13.24 34.93 -1.31
CA ILE A 445 12.51 36.13 -0.92
C ILE A 445 12.89 36.53 0.49
N LYS A 446 13.25 35.54 1.29
CA LYS A 446 13.45 35.75 2.73
C LYS A 446 14.83 35.21 3.11
N GLU A 447 15.45 35.84 4.09
CA GLU A 447 16.66 35.30 4.72
C GLU A 447 16.28 34.48 5.96
N LEU A 448 17.16 33.54 6.32
CA LEU A 448 16.94 32.75 7.51
C LEU A 448 17.58 33.49 8.68
N PRO A 449 17.00 33.34 9.88
CA PRO A 449 17.58 33.87 11.12
C PRO A 449 19.06 33.49 11.31
N LYS A 450 19.53 32.49 10.58
CA LYS A 450 20.93 32.12 10.62
C LYS A 450 21.75 32.58 9.41
N ASN A 451 22.23 33.81 9.37
CA ASN A 451 23.05 34.12 8.20
C ASN A 451 24.40 33.41 8.45
N THR A 452 25.29 33.38 7.46
CA THR A 452 26.65 32.84 7.67
C THR A 452 27.73 33.85 7.32
#